data_6Z9U
#
_entry.id   6Z9U
#
_cell.length_a   34.848
_cell.length_b   69.277
_cell.length_c   94.790
_cell.angle_alpha   90.000
_cell.angle_beta   98.308
_cell.angle_gamma   90.000
#
_symmetry.space_group_name_H-M   'P 1 21 1'
#
loop_
_entity.id
_entity.type
_entity.pdbx_description
1 polymer 'tRNA-splicing endonuclease subunit Sen34'
2 polymer 'tRNA-splicing endonuclease subunit Sen15'
3 non-polymer GLYCEROL
4 water water
#
loop_
_entity_poly.entity_id
_entity_poly.type
_entity_poly.pdbx_seq_one_letter_code
_entity_poly.pdbx_strand_id
1 'polypeptide(L)'
;MDWPHAGRPAHELRYSIYRDLWERGFFLSAAGKFGGDFLVYPGDPLRFHAHYIAQCWAPEDTIPLQDLVAAGRLGTSVRK
TLLLCSPQPDGKVVYTSLQWASLQ
;
A,C
2 'polypeptide(L)'
;MGHHHHHHHHHHGENLYFQGFGDGGGAPSWAPEDAWMGTHPKYLEMMELDIGDATQVYVAFLVYLDLMESKSWHEVNCVG
LPELQLICLVGTEIEGEGLQTVVPTPITASLSHNRIREILKASRKLQGDPDLPMSFTLAIVESDSTIVYYKLTDGFMLPD
PQNISLR
;
B,D
#
# COMPACT_ATOMS: atom_id res chain seq x y z
N ALA A 10 -2.31 16.86 7.49
CA ALA A 10 -2.06 15.43 7.49
C ALA A 10 -2.01 14.87 6.08
N HIS A 11 -3.10 15.08 5.34
CA HIS A 11 -3.46 14.20 4.24
C HIS A 11 -2.58 14.42 3.00
N GLU A 12 -2.56 15.65 2.48
CA GLU A 12 -1.75 15.95 1.30
C GLU A 12 -0.29 15.62 1.56
N LEU A 13 0.11 15.68 2.82
CA LEU A 13 1.48 15.43 3.24
C LEU A 13 1.76 13.92 3.32
N ARG A 14 0.80 13.13 3.79
CA ARG A 14 0.96 11.68 3.78
C ARG A 14 0.97 11.12 2.36
N TYR A 15 0.16 11.70 1.47
CA TYR A 15 0.10 11.13 0.12
C TYR A 15 1.32 11.49 -0.70
N SER A 16 1.99 12.61 -0.38
CA SER A 16 3.25 12.87 -1.06
C SER A 16 4.27 11.80 -0.75
N ILE A 17 4.20 11.21 0.43
CA ILE A 17 5.13 10.13 0.77
C ILE A 17 4.69 8.82 0.15
N TYR A 18 3.39 8.51 0.24
CA TYR A 18 2.86 7.32 -0.42
C TYR A 18 3.28 7.25 -1.87
N ARG A 19 3.09 8.33 -2.63
CA ARG A 19 3.39 8.29 -4.05
C ARG A 19 4.87 8.07 -4.30
N ASP A 20 5.73 8.65 -3.44
CA ASP A 20 7.17 8.44 -3.58
C ASP A 20 7.53 6.99 -3.29
N LEU A 21 6.96 6.42 -2.25
CA LEU A 21 7.18 5.01 -1.97
C LEU A 21 6.60 4.13 -3.07
N TRP A 22 5.42 4.48 -3.57
CA TRP A 22 4.89 3.74 -4.72
C TRP A 22 5.84 3.85 -5.90
N GLU A 23 6.34 5.05 -6.20
CA GLU A 23 7.23 5.18 -7.35
C GLU A 23 8.52 4.38 -7.18
N ARG A 24 8.99 4.23 -5.95
CA ARG A 24 10.17 3.41 -5.67
C ARG A 24 9.87 1.92 -5.68
N GLY A 25 8.60 1.52 -5.83
CA GLY A 25 8.25 0.12 -5.95
C GLY A 25 7.79 -0.58 -4.71
N PHE A 26 7.52 0.13 -3.61
CA PHE A 26 7.11 -0.55 -2.40
C PHE A 26 5.62 -0.89 -2.43
N PHE A 27 5.25 -1.92 -1.65
CA PHE A 27 3.86 -2.10 -1.23
C PHE A 27 3.58 -1.29 0.03
N LEU A 28 2.36 -0.76 0.13
CA LEU A 28 1.92 0.03 1.28
C LEU A 28 0.60 -0.47 1.84
N SER A 29 0.50 -0.48 3.16
CA SER A 29 -0.78 -0.54 3.86
C SER A 29 -0.83 0.57 4.89
N ALA A 30 -1.82 1.44 4.78
CA ALA A 30 -2.04 2.56 5.70
C ALA A 30 -3.41 2.47 6.33
N ALA A 31 -3.79 1.27 6.76
CA ALA A 31 -5.06 1.09 7.45
C ALA A 31 -5.09 1.95 8.71
N GLY A 32 -6.32 2.20 9.20
CA GLY A 32 -6.46 2.96 10.43
C GLY A 32 -6.01 2.20 11.66
N LYS A 33 -5.89 0.89 11.58
CA LYS A 33 -5.39 0.06 12.68
C LYS A 33 -4.03 0.56 13.16
N PHE A 34 -3.13 0.84 12.24
CA PHE A 34 -1.76 1.22 12.57
C PHE A 34 -1.65 2.60 13.18
N GLY A 35 -2.76 3.21 13.59
CA GLY A 35 -2.72 4.59 14.02
C GLY A 35 -2.12 5.45 12.94
N GLY A 36 -1.24 6.36 13.33
CA GLY A 36 -0.56 7.16 12.34
C GLY A 36 0.52 6.43 11.57
N ASP A 37 0.90 5.23 12.01
CA ASP A 37 1.94 4.51 11.31
C ASP A 37 1.35 3.84 10.07
N PHE A 38 2.23 3.45 9.15
CA PHE A 38 1.82 2.60 8.03
C PHE A 38 2.97 1.67 7.73
N LEU A 39 2.66 0.58 7.03
CA LEU A 39 3.65 -0.46 6.80
C LEU A 39 4.18 -0.38 5.37
N VAL A 40 5.49 -0.58 5.24
CA VAL A 40 6.16 -0.43 3.95
C VAL A 40 6.99 -1.68 3.69
N TYR A 41 6.64 -2.41 2.61
CA TYR A 41 7.26 -3.67 2.20
C TYR A 41 8.04 -3.49 0.91
N PRO A 42 9.28 -3.98 0.84
CA PRO A 42 10.03 -3.90 -0.42
C PRO A 42 9.33 -4.60 -1.58
N GLY A 43 9.36 -3.96 -2.75
CA GLY A 43 8.91 -4.65 -3.94
C GLY A 43 9.76 -5.86 -4.25
N ASP A 44 9.18 -6.77 -5.02
CA ASP A 44 9.93 -7.93 -5.52
C ASP A 44 9.94 -7.89 -7.04
N PRO A 45 11.05 -7.47 -7.66
CA PRO A 45 11.11 -7.50 -9.13
C PRO A 45 11.22 -8.90 -9.70
N LEU A 46 11.64 -9.88 -8.92
CA LEU A 46 11.75 -11.24 -9.46
C LEU A 46 10.40 -11.94 -9.56
N ARG A 47 9.58 -11.88 -8.51
CA ARG A 47 8.44 -12.77 -8.35
C ARG A 47 7.16 -12.03 -8.63
N PHE A 48 6.29 -12.67 -9.38
CA PHE A 48 4.93 -12.21 -9.60
C PHE A 48 4.05 -12.79 -8.51
N HIS A 49 3.42 -11.92 -7.74
CA HIS A 49 2.43 -12.32 -6.75
C HIS A 49 1.04 -12.06 -7.31
N ALA A 50 0.18 -13.08 -7.26
CA ALA A 50 -1.17 -12.93 -7.80
C ALA A 50 -1.83 -11.70 -7.20
N HIS A 51 -2.41 -10.85 -8.07
CA HIS A 51 -2.98 -9.59 -7.61
C HIS A 51 -4.08 -9.14 -8.54
N TYR A 52 -4.81 -8.12 -8.07
CA TYR A 52 -5.77 -7.38 -8.89
C TYR A 52 -5.11 -6.18 -9.55
N ILE A 53 -5.50 -5.92 -10.79
CA ILE A 53 -5.23 -4.63 -11.42
C ILE A 53 -6.53 -3.83 -11.33
N ALA A 54 -6.50 -2.77 -10.54
CA ALA A 54 -7.69 -2.10 -10.07
C ALA A 54 -7.89 -0.77 -10.77
N GLN A 55 -9.14 -0.32 -10.78
CA GLN A 55 -9.53 0.94 -11.40
C GLN A 55 -10.52 1.65 -10.49
N CYS A 56 -10.34 2.96 -10.38
CA CYS A 56 -11.25 3.83 -9.64
C CYS A 56 -12.29 4.41 -10.59
N TRP A 57 -13.56 4.25 -10.25
CA TRP A 57 -14.63 4.72 -11.12
C TRP A 57 -15.67 5.42 -10.28
N ALA A 58 -16.04 6.62 -10.68
CA ALA A 58 -17.26 7.21 -10.14
C ALA A 58 -18.42 6.31 -10.55
N PRO A 59 -19.40 6.09 -9.67
CA PRO A 59 -20.41 5.04 -9.97
C PRO A 59 -21.17 5.29 -11.25
N GLU A 60 -21.35 6.55 -11.66
CA GLU A 60 -22.18 6.89 -12.82
C GLU A 60 -21.39 7.04 -14.12
N ASP A 61 -20.06 7.11 -14.06
CA ASP A 61 -19.28 7.31 -15.28
C ASP A 61 -19.32 6.07 -16.14
N THR A 62 -19.64 6.25 -17.41
CA THR A 62 -19.73 5.10 -18.30
C THR A 62 -18.32 4.66 -18.67
N ILE A 63 -18.05 3.37 -18.49
CA ILE A 63 -16.77 2.79 -18.84
C ILE A 63 -16.85 2.27 -20.28
N PRO A 64 -15.98 2.70 -21.18
CA PRO A 64 -16.06 2.23 -22.57
C PRO A 64 -15.59 0.78 -22.67
N LEU A 65 -16.42 -0.06 -23.29
CA LEU A 65 -16.15 -1.49 -23.36
C LEU A 65 -14.95 -1.83 -24.21
N GLN A 66 -14.55 -0.95 -25.14
CA GLN A 66 -13.30 -1.17 -25.87
C GLN A 66 -12.10 -1.12 -24.95
N ASP A 67 -12.16 -0.27 -23.91
CA ASP A 67 -11.08 -0.17 -22.93
C ASP A 67 -11.20 -1.35 -21.96
N LEU A 68 -10.88 -2.53 -22.47
CA LEU A 68 -10.95 -3.73 -21.64
C LEU A 68 -9.70 -4.58 -21.84
N GLY A 75 -6.37 -8.85 -20.58
CA GLY A 75 -5.27 -9.40 -19.80
C GLY A 75 -5.69 -9.92 -18.44
N THR A 76 -5.97 -11.22 -18.37
CA THR A 76 -6.48 -11.86 -17.17
C THR A 76 -6.06 -13.32 -17.19
N SER A 77 -5.88 -13.90 -16.00
CA SER A 77 -5.50 -15.32 -15.90
C SER A 77 -5.73 -15.78 -14.45
N VAL A 78 -5.03 -16.83 -14.04
CA VAL A 78 -5.12 -17.35 -12.68
C VAL A 78 -4.46 -16.43 -11.66
N ARG A 79 -3.51 -15.60 -12.10
CA ARG A 79 -2.74 -14.76 -11.20
C ARG A 79 -3.09 -13.28 -11.30
N LYS A 80 -4.01 -12.89 -12.19
CA LYS A 80 -4.41 -11.49 -12.29
C LYS A 80 -5.89 -11.39 -12.66
N THR A 81 -6.57 -10.41 -12.08
CA THR A 81 -7.99 -10.18 -12.23
C THR A 81 -8.20 -8.68 -12.29
N LEU A 82 -9.07 -8.22 -13.18
CA LEU A 82 -9.35 -6.79 -13.22
C LEU A 82 -10.40 -6.47 -12.16
N LEU A 83 -10.24 -5.34 -11.47
CA LEU A 83 -11.02 -5.01 -10.28
C LEU A 83 -11.61 -3.61 -10.42
N LEU A 84 -12.94 -3.51 -10.58
CA LEU A 84 -13.60 -2.21 -10.66
C LEU A 84 -14.02 -1.80 -9.24
N CYS A 85 -13.80 -0.53 -8.90
CA CYS A 85 -14.04 -0.01 -7.55
C CYS A 85 -14.78 1.31 -7.65
N SER A 86 -15.84 1.45 -6.84
CA SER A 86 -16.65 2.67 -6.87
C SER A 86 -17.20 2.92 -5.48
N PRO A 87 -16.99 4.11 -4.91
CA PRO A 87 -17.62 4.43 -3.62
C PRO A 87 -19.05 4.91 -3.80
N GLN A 88 -19.91 4.47 -2.90
CA GLN A 88 -21.31 4.82 -2.98
C GLN A 88 -21.63 5.97 -2.05
N PRO A 89 -22.77 6.67 -2.28
CA PRO A 89 -23.21 7.73 -1.36
C PRO A 89 -23.04 7.41 0.11
N ASP A 90 -23.34 6.17 0.51
CA ASP A 90 -23.34 5.76 1.91
C ASP A 90 -21.93 5.41 2.42
N GLY A 91 -20.88 5.99 1.85
CA GLY A 91 -19.53 5.72 2.30
C GLY A 91 -19.01 4.34 1.98
N LYS A 92 -19.85 3.41 1.54
CA LYS A 92 -19.41 2.08 1.19
C LYS A 92 -18.94 2.05 -0.26
N VAL A 93 -17.88 1.28 -0.52
CA VAL A 93 -17.38 1.09 -1.88
C VAL A 93 -17.78 -0.30 -2.36
N VAL A 94 -18.13 -0.41 -3.64
CA VAL A 94 -18.46 -1.69 -4.22
C VAL A 94 -17.33 -2.11 -5.14
N TYR A 95 -17.12 -3.42 -5.21
CA TYR A 95 -16.05 -4.02 -6.00
C TYR A 95 -16.63 -5.09 -6.93
N THR A 96 -16.16 -5.07 -8.17
CA THR A 96 -16.56 -6.05 -9.18
C THR A 96 -15.32 -6.60 -9.85
N SER A 97 -15.12 -7.91 -9.74
CA SER A 97 -14.01 -8.57 -10.42
C SER A 97 -14.41 -8.91 -11.84
N LEU A 98 -13.45 -8.82 -12.76
CA LEU A 98 -13.69 -8.97 -14.18
C LEU A 98 -12.62 -9.92 -14.72
N GLN A 99 -13.06 -11.00 -15.35
CA GLN A 99 -12.18 -12.09 -15.74
C GLN A 99 -12.53 -12.59 -17.13
N TRP A 100 -11.48 -12.86 -17.89
CA TRP A 100 -11.64 -13.50 -19.17
C TRP A 100 -12.27 -14.88 -18.97
N ALA A 101 -13.42 -15.09 -19.60
CA ALA A 101 -14.14 -16.35 -19.51
C ALA A 101 -13.67 -17.29 -20.61
N SER A 102 -13.50 -18.55 -20.25
CA SER A 102 -13.09 -19.60 -21.18
C SER A 102 -14.34 -20.41 -21.52
N LEU A 103 -15.06 -20.00 -22.56
CA LEU A 103 -16.26 -20.71 -22.97
C LEU A 103 -15.96 -21.63 -24.14
N PRO B 32 22.37 15.52 42.10
CA PRO B 32 22.12 15.44 43.54
C PRO B 32 23.00 14.38 44.21
N GLU B 33 22.66 13.10 44.01
CA GLU B 33 23.48 11.97 44.38
C GLU B 33 24.70 11.81 43.48
N ASP B 34 24.84 12.68 42.48
CA ASP B 34 25.84 12.52 41.43
C ASP B 34 26.76 13.73 41.32
N ALA B 35 26.77 14.60 42.33
CA ALA B 35 27.63 15.77 42.28
C ALA B 35 29.10 15.39 42.15
N TRP B 36 29.47 14.16 42.54
CA TRP B 36 30.85 13.71 42.43
C TRP B 36 31.34 13.65 40.98
N MET B 37 30.42 13.51 40.03
CA MET B 37 30.85 13.40 38.63
C MET B 37 31.40 14.71 38.10
N GLY B 38 31.03 15.85 38.69
CA GLY B 38 31.63 17.12 38.31
C GLY B 38 33.13 17.17 38.50
N THR B 39 33.69 16.27 39.30
CA THR B 39 35.14 16.19 39.50
C THR B 39 35.82 15.43 38.36
N HIS B 40 35.09 14.63 37.61
CA HIS B 40 35.73 13.74 36.66
C HIS B 40 36.31 14.52 35.49
N PRO B 41 37.52 14.16 35.03
CA PRO B 41 38.19 15.00 34.02
C PRO B 41 37.49 14.96 32.67
N LYS B 42 36.80 13.86 32.37
CA LYS B 42 36.06 13.82 31.11
C LYS B 42 34.74 14.55 31.23
N TYR B 43 34.16 14.61 32.44
CA TYR B 43 33.04 15.50 32.65
C TYR B 43 33.46 16.94 32.42
N LEU B 44 34.57 17.33 33.04
CA LEU B 44 35.03 18.72 32.92
C LEU B 44 35.40 19.05 31.48
N GLU B 45 35.96 18.07 30.76
CA GLU B 45 36.24 18.26 29.35
C GLU B 45 34.96 18.54 28.56
N MET B 46 33.94 17.70 28.75
CA MET B 46 32.67 17.95 28.08
C MET B 46 32.10 19.31 28.45
N MET B 47 32.13 19.65 29.74
CA MET B 47 31.57 20.92 30.18
C MET B 47 32.34 22.10 29.57
N GLU B 48 33.65 21.94 29.41
CA GLU B 48 34.46 22.99 28.83
C GLU B 48 34.15 23.22 27.37
N LEU B 49 33.42 22.31 26.71
CA LEU B 49 32.93 22.61 25.37
C LEU B 49 32.02 23.82 25.36
N ASP B 50 31.43 24.13 26.53
CA ASP B 50 30.48 25.22 26.68
C ASP B 50 29.31 25.07 25.69
N ILE B 51 28.78 23.85 25.64
CA ILE B 51 27.62 23.47 24.86
C ILE B 51 26.65 22.77 25.81
N GLY B 52 25.47 23.33 25.98
CA GLY B 52 24.37 22.68 26.67
C GLY B 52 24.26 23.07 28.13
N ASP B 53 23.16 22.63 28.74
CA ASP B 53 22.99 22.82 30.17
C ASP B 53 23.48 21.60 30.94
N ALA B 54 23.23 21.60 32.26
CA ALA B 54 23.75 20.54 33.11
C ALA B 54 23.16 19.18 32.73
N THR B 55 21.87 19.14 32.39
CA THR B 55 21.29 17.89 31.91
C THR B 55 22.02 17.35 30.68
N GLN B 56 22.38 18.23 29.74
CA GLN B 56 23.05 17.79 28.52
C GLN B 56 24.45 17.25 28.82
N VAL B 57 25.24 18.03 29.58
CA VAL B 57 26.59 17.58 29.94
C VAL B 57 26.50 16.29 30.75
N TYR B 58 25.55 16.23 31.67
CA TYR B 58 25.39 15.05 32.52
C TYR B 58 25.07 13.81 31.69
N VAL B 59 24.08 13.90 30.79
CA VAL B 59 23.74 12.70 30.04
C VAL B 59 24.85 12.35 29.07
N ALA B 60 25.62 13.33 28.59
CA ALA B 60 26.76 13.00 27.76
C ALA B 60 27.78 12.22 28.58
N PHE B 61 27.97 12.63 29.84
CA PHE B 61 28.94 11.95 30.70
C PHE B 61 28.45 10.56 31.04
N LEU B 62 27.17 10.43 31.43
CA LEU B 62 26.59 9.11 31.68
C LEU B 62 26.77 8.16 30.48
N VAL B 63 26.61 8.67 29.25
CA VAL B 63 26.76 7.78 28.10
C VAL B 63 28.22 7.41 27.92
N TYR B 64 29.12 8.36 28.16
CA TYR B 64 30.55 8.07 28.18
C TYR B 64 30.87 6.89 29.11
N LEU B 65 30.40 6.96 30.35
CA LEU B 65 30.66 5.88 31.30
C LEU B 65 30.06 4.56 30.81
N ASP B 66 28.83 4.59 30.30
CA ASP B 66 28.21 3.35 29.82
C ASP B 66 29.03 2.72 28.70
N LEU B 67 29.46 3.52 27.72
CA LEU B 67 30.21 2.97 26.60
C LEU B 67 31.54 2.36 27.05
N MET B 68 32.22 2.97 28.03
CA MET B 68 33.51 2.45 28.46
C MET B 68 33.39 1.33 29.50
N GLU B 69 32.28 1.24 30.25
CA GLU B 69 32.16 0.26 31.35
C GLU B 69 31.07 -0.78 31.14
N SER B 70 29.90 -0.40 30.61
CA SER B 70 28.82 -1.38 30.43
C SER B 70 28.95 -2.08 29.09
N LYS B 71 29.58 -1.40 28.13
CA LYS B 71 30.22 -2.03 27.00
C LYS B 71 31.72 -2.01 27.28
N SER B 72 32.51 -2.49 26.32
CA SER B 72 33.95 -2.49 26.52
C SER B 72 34.62 -1.66 25.45
N TRP B 73 34.09 -0.47 25.19
CA TRP B 73 34.59 0.34 24.08
C TRP B 73 36.07 0.63 24.25
N HIS B 74 36.78 0.72 23.13
CA HIS B 74 38.20 0.97 23.12
C HIS B 74 38.48 2.39 23.58
N GLU B 75 38.11 3.37 22.77
CA GLU B 75 38.23 4.77 23.13
C GLU B 75 36.95 5.49 22.78
N VAL B 76 36.65 6.51 23.58
CA VAL B 76 35.51 7.40 23.34
C VAL B 76 36.02 8.82 23.51
N ASN B 77 35.90 9.62 22.47
CA ASN B 77 36.28 11.02 22.51
C ASN B 77 35.05 11.90 22.39
N CYS B 78 35.07 13.03 23.09
CA CYS B 78 33.98 13.99 22.97
C CYS B 78 34.38 15.10 22.00
N VAL B 79 33.38 15.61 21.30
CA VAL B 79 33.54 16.58 20.22
C VAL B 79 32.39 17.56 20.32
N GLY B 80 32.68 18.86 20.23
CA GLY B 80 31.65 19.87 20.28
C GLY B 80 31.28 20.32 18.88
N LEU B 81 29.97 20.30 18.59
CA LEU B 81 29.42 20.90 17.38
C LEU B 81 28.59 22.12 17.77
N PRO B 82 29.22 23.29 17.95
CA PRO B 82 28.47 24.45 18.50
C PRO B 82 27.40 25.01 17.55
N GLU B 83 27.58 24.88 16.24
CA GLU B 83 26.51 25.23 15.32
C GLU B 83 25.22 24.50 15.69
N LEU B 84 25.30 23.18 15.86
CA LEU B 84 24.16 22.40 16.30
C LEU B 84 23.93 22.48 17.80
N GLN B 85 24.87 23.04 18.56
CA GLN B 85 24.79 23.01 20.01
C GLN B 85 24.53 21.57 20.48
N LEU B 86 25.44 20.70 20.02
CA LEU B 86 25.42 19.30 20.40
C LEU B 86 26.80 18.86 20.86
N ILE B 87 26.81 18.05 21.90
CA ILE B 87 27.97 17.25 22.25
C ILE B 87 27.75 15.87 21.67
N CYS B 88 28.73 15.35 20.95
CA CYS B 88 28.67 13.94 20.62
C CYS B 88 29.96 13.25 21.03
N LEU B 89 29.84 11.94 21.15
CA LEU B 89 30.92 11.04 21.47
C LEU B 89 31.31 10.32 20.19
N VAL B 90 32.60 10.33 19.86
CA VAL B 90 33.11 9.67 18.67
C VAL B 90 34.11 8.63 19.13
N GLY B 91 33.91 7.37 18.73
CA GLY B 91 34.72 6.33 19.30
C GLY B 91 34.94 5.16 18.36
N THR B 92 35.88 4.32 18.76
CA THR B 92 36.12 3.02 18.13
C THR B 92 35.63 1.95 19.10
N GLU B 93 34.54 1.27 18.72
CA GLU B 93 34.01 0.19 19.54
C GLU B 93 35.02 -0.93 19.71
N ILE B 94 35.89 -1.12 18.72
CA ILE B 94 36.99 -2.08 18.75
C ILE B 94 38.19 -1.42 18.08
N GLU B 95 39.38 -1.63 18.63
CA GLU B 95 40.59 -0.99 18.10
C GLU B 95 40.81 -1.37 16.64
N GLY B 96 41.11 -0.37 15.82
CA GLY B 96 41.27 -0.52 14.38
C GLY B 96 39.99 -0.33 13.60
N GLU B 97 38.86 -0.71 14.17
CA GLU B 97 37.55 -0.54 13.55
C GLU B 97 37.22 0.95 13.39
N GLY B 98 36.35 1.25 12.43
CA GLY B 98 35.97 2.62 12.14
C GLY B 98 35.24 3.28 13.30
N LEU B 99 35.11 4.60 13.18
CA LEU B 99 34.56 5.42 14.26
C LEU B 99 33.05 5.54 14.15
N GLN B 100 32.38 5.51 15.30
CA GLN B 100 30.95 5.72 15.40
C GLN B 100 30.70 7.01 16.17
N THR B 101 29.60 7.67 15.82
CA THR B 101 29.16 8.90 16.47
C THR B 101 27.97 8.59 17.36
N VAL B 102 28.10 8.90 18.65
CA VAL B 102 27.04 8.69 19.62
C VAL B 102 26.59 10.05 20.12
N VAL B 103 25.28 10.28 20.08
CA VAL B 103 24.68 11.59 20.36
C VAL B 103 23.83 11.43 21.60
N PRO B 104 24.38 11.72 22.78
CA PRO B 104 23.58 11.57 24.01
C PRO B 104 22.46 12.58 24.08
N THR B 105 21.28 12.11 24.50
CA THR B 105 20.16 13.02 24.52
C THR B 105 19.26 12.67 25.70
N PRO B 106 18.82 13.66 26.48
CA PRO B 106 17.81 13.39 27.49
C PRO B 106 16.52 12.92 26.83
N ILE B 107 15.71 12.23 27.63
CA ILE B 107 14.44 11.71 27.16
C ILE B 107 13.51 12.83 26.74
N THR B 108 13.72 14.03 27.26
CA THR B 108 12.82 15.16 27.05
C THR B 108 13.29 16.12 25.98
N ALA B 109 14.40 15.86 25.31
CA ALA B 109 14.88 16.77 24.29
C ALA B 109 13.89 16.82 23.11
N SER B 110 14.06 17.84 22.27
CA SER B 110 13.25 18.02 21.06
C SER B 110 14.09 17.63 19.86
N LEU B 111 13.61 16.66 19.09
CA LEU B 111 14.28 16.20 17.88
C LEU B 111 13.31 16.28 16.70
N SER B 112 13.59 17.20 15.78
CA SER B 112 12.89 17.22 14.52
C SER B 112 13.59 16.28 13.54
N HIS B 113 12.84 15.82 12.52
CA HIS B 113 13.48 15.06 11.46
C HIS B 113 14.57 15.91 10.80
N ASN B 114 14.29 17.20 10.57
CA ASN B 114 15.32 18.10 10.06
C ASN B 114 16.56 18.10 10.95
N ARG B 115 16.38 18.16 12.26
CA ARG B 115 17.56 18.14 13.13
C ARG B 115 18.33 16.84 12.97
N ILE B 116 17.60 15.73 12.88
CA ILE B 116 18.24 14.43 12.66
C ILE B 116 19.06 14.46 11.37
N ARG B 117 18.54 15.09 10.32
CA ARG B 117 19.29 15.12 9.07
C ARG B 117 20.58 15.91 9.23
N GLU B 118 20.53 17.02 9.97
CA GLU B 118 21.73 17.79 10.22
C GLU B 118 22.75 17.00 11.06
N ILE B 119 22.29 16.23 12.05
CA ILE B 119 23.20 15.39 12.81
C ILE B 119 23.81 14.31 11.90
N LEU B 120 23.01 13.74 10.99
CA LEU B 120 23.54 12.76 10.04
C LEU B 120 24.68 13.37 9.22
N LYS B 121 24.48 14.57 8.69
CA LYS B 121 25.48 15.23 7.86
C LYS B 121 26.74 15.56 8.66
N ALA B 122 26.57 16.11 9.87
CA ALA B 122 27.74 16.36 10.72
C ALA B 122 28.42 15.05 11.08
N SER B 123 27.64 14.01 11.35
CA SER B 123 28.23 12.74 11.75
C SER B 123 29.14 12.17 10.67
N ARG B 124 28.80 12.40 9.41
CA ARG B 124 29.61 11.89 8.32
C ARG B 124 30.96 12.58 8.27
N LYS B 125 30.99 13.87 8.57
CA LYS B 125 32.26 14.58 8.61
C LYS B 125 33.14 14.06 9.73
N LEU B 126 32.56 13.87 10.92
CA LEU B 126 33.36 13.35 12.04
C LEU B 126 33.85 11.94 11.77
N GLN B 127 33.07 11.13 11.06
CA GLN B 127 33.52 9.78 10.76
C GLN B 127 34.57 9.75 9.64
N GLY B 128 34.80 10.88 8.99
CA GLY B 128 35.81 10.99 7.95
C GLY B 128 35.36 10.50 6.59
N ASP B 129 34.17 10.98 6.13
CA ASP B 129 33.55 10.71 4.84
C ASP B 129 33.93 9.34 4.28
N PRO B 130 33.43 8.25 4.86
CA PRO B 130 33.84 6.91 4.41
C PRO B 130 33.16 6.50 3.12
N ASP B 131 32.29 5.49 3.21
CA ASP B 131 31.60 4.96 2.03
C ASP B 131 30.26 4.37 2.43
N LEU B 132 30.12 4.02 3.72
CA LEU B 132 28.83 3.69 4.28
C LEU B 132 27.87 4.87 4.10
N PRO B 133 26.56 4.62 4.19
CA PRO B 133 25.62 5.74 4.28
C PRO B 133 25.70 6.41 5.63
N MET B 134 25.42 7.71 5.65
CA MET B 134 25.38 8.50 6.88
C MET B 134 24.63 7.78 7.98
N SER B 135 25.27 7.62 9.13
CA SER B 135 24.56 7.13 10.30
C SER B 135 25.19 7.68 11.56
N PHE B 136 24.38 7.75 12.60
CA PHE B 136 24.86 7.96 13.96
C PHE B 136 23.96 7.16 14.89
N THR B 137 24.46 6.98 16.11
CA THR B 137 23.70 6.38 17.19
C THR B 137 23.16 7.46 18.13
N LEU B 138 21.86 7.42 18.36
CA LEU B 138 21.20 8.28 19.32
C LEU B 138 21.14 7.55 20.65
N ALA B 139 21.73 8.15 21.71
CA ALA B 139 21.78 7.54 23.04
C ALA B 139 20.78 8.26 23.94
N ILE B 140 19.62 7.67 24.14
CA ILE B 140 18.54 8.34 24.87
C ILE B 140 18.64 7.96 26.34
N VAL B 141 18.61 8.96 27.19
CA VAL B 141 18.89 8.82 28.62
C VAL B 141 17.63 9.21 29.36
N GLU B 142 17.07 8.27 30.11
CA GLU B 142 15.90 8.51 30.91
C GLU B 142 16.32 9.12 32.25
N SER B 143 15.35 9.73 32.94
CA SER B 143 15.65 10.37 34.22
C SER B 143 16.28 9.39 35.20
N ASP B 144 16.00 8.10 35.06
CA ASP B 144 16.59 7.07 35.91
C ASP B 144 17.97 6.62 35.45
N SER B 145 18.52 7.26 34.41
CA SER B 145 19.85 7.02 33.87
C SER B 145 19.93 5.74 33.05
N THR B 146 18.83 5.03 32.85
CA THR B 146 18.79 3.99 31.83
C THR B 146 19.08 4.62 30.47
N ILE B 147 19.79 3.88 29.62
CA ILE B 147 20.17 4.36 28.30
C ILE B 147 19.66 3.39 27.26
N VAL B 148 19.06 3.91 26.19
CA VAL B 148 18.63 3.07 25.09
C VAL B 148 19.30 3.59 23.82
N TYR B 149 19.87 2.69 23.03
CA TYR B 149 20.66 3.06 21.87
C TYR B 149 19.91 2.73 20.59
N TYR B 150 19.81 3.71 19.70
CA TYR B 150 19.18 3.53 18.41
C TYR B 150 20.13 3.98 17.33
N LYS B 151 20.29 3.16 16.29
CA LYS B 151 21.06 3.50 15.13
C LYS B 151 20.14 4.19 14.12
N LEU B 152 20.55 5.37 13.65
CA LEU B 152 19.83 6.12 12.64
C LEU B 152 20.67 6.17 11.38
N THR B 153 20.09 5.76 10.25
CA THR B 153 20.83 5.68 9.00
C THR B 153 20.03 6.33 7.88
N ASP B 154 20.74 7.06 7.03
CA ASP B 154 20.12 7.68 5.87
C ASP B 154 19.48 6.60 5.01
N GLY B 155 18.19 6.78 4.70
CA GLY B 155 17.53 5.89 3.76
C GLY B 155 16.87 4.67 4.36
N PHE B 156 16.96 3.56 3.62
CA PHE B 156 16.19 2.35 3.84
C PHE B 156 17.13 1.24 4.28
N MET B 157 17.06 0.79 5.54
CA MET B 157 17.99 -0.27 5.93
C MET B 157 17.38 -1.66 6.09
N LEU B 158 16.64 -1.90 7.18
CA LEU B 158 16.33 -3.26 7.71
C LEU B 158 17.56 -3.92 8.33
N PRO C 9 -12.63 16.13 -5.38
CA PRO C 9 -12.54 15.89 -6.82
C PRO C 9 -12.83 14.42 -7.20
N ALA C 10 -12.37 14.00 -8.39
CA ALA C 10 -12.18 12.58 -8.69
C ALA C 10 -10.97 12.02 -7.96
N HIS C 11 -10.40 12.85 -7.11
CA HIS C 11 -9.19 12.59 -6.34
C HIS C 11 -9.52 12.19 -4.91
N GLU C 12 -10.70 12.61 -4.43
CA GLU C 12 -11.32 12.00 -3.26
C GLU C 12 -11.77 10.57 -3.56
N LEU C 13 -12.13 10.31 -4.82
CA LEU C 13 -12.50 8.96 -5.23
C LEU C 13 -11.42 7.95 -4.86
N ARG C 14 -10.17 8.26 -5.22
CA ARG C 14 -9.09 7.28 -5.01
C ARG C 14 -8.81 7.07 -3.54
N TYR C 15 -8.92 8.14 -2.74
CA TYR C 15 -8.68 8.04 -1.29
C TYR C 15 -9.65 7.09 -0.62
N SER C 16 -10.95 7.29 -0.86
CA SER C 16 -11.95 6.41 -0.26
C SER C 16 -11.68 4.95 -0.61
N ILE C 17 -11.43 4.67 -1.88
CA ILE C 17 -11.12 3.29 -2.30
C ILE C 17 -9.85 2.80 -1.60
N TYR C 18 -8.75 3.57 -1.70
CA TYR C 18 -7.49 3.16 -1.09
C TYR C 18 -7.67 2.84 0.38
N ARG C 19 -8.41 3.68 1.09
CA ARG C 19 -8.58 3.48 2.52
C ARG C 19 -9.39 2.22 2.78
N ASP C 20 -10.49 2.04 2.05
CA ASP C 20 -11.29 0.82 2.21
C ASP C 20 -10.45 -0.41 1.95
N LEU C 21 -9.69 -0.42 0.83
CA LEU C 21 -8.84 -1.57 0.54
C LEU C 21 -7.84 -1.81 1.67
N TRP C 22 -7.22 -0.74 2.18
CA TRP C 22 -6.36 -0.89 3.35
C TRP C 22 -7.12 -1.50 4.52
N GLU C 23 -8.26 -0.92 4.90
CA GLU C 23 -9.02 -1.46 6.03
C GLU C 23 -9.35 -2.94 5.83
N ARG C 24 -9.56 -3.38 4.59
CA ARG C 24 -9.86 -4.78 4.36
C ARG C 24 -8.64 -5.68 4.46
N GLY C 25 -7.43 -5.13 4.57
CA GLY C 25 -6.22 -5.94 4.68
C GLY C 25 -5.40 -6.08 3.42
N PHE C 26 -5.76 -5.39 2.35
CA PHE C 26 -4.96 -5.47 1.13
C PHE C 26 -3.75 -4.55 1.22
N PHE C 27 -2.74 -4.85 0.39
CA PHE C 27 -1.60 -3.98 0.14
C PHE C 27 -1.72 -3.34 -1.24
N LEU C 28 -1.36 -2.06 -1.34
CA LEU C 28 -1.38 -1.32 -2.60
C LEU C 28 0.03 -1.07 -3.09
N SER C 29 0.28 -1.36 -4.36
CA SER C 29 1.49 -0.92 -5.03
C SER C 29 1.11 -0.24 -6.33
N ALA C 30 2.09 0.50 -6.86
CA ALA C 30 1.97 1.27 -8.10
C ALA C 30 0.66 2.03 -8.13
N ALA C 31 0.40 2.75 -7.04
CA ALA C 31 -0.88 3.44 -6.85
C ALA C 31 -0.71 4.96 -6.84
N GLY C 32 0.45 5.46 -7.31
CA GLY C 32 0.70 6.87 -7.31
C GLY C 32 0.29 7.62 -8.54
N LYS C 33 -0.15 6.92 -9.59
CA LYS C 33 -0.55 7.55 -10.84
C LYS C 33 -2.05 7.80 -10.76
N PHE C 34 -2.42 9.00 -10.33
CA PHE C 34 -3.83 9.36 -10.14
C PHE C 34 -4.40 9.63 -11.52
N GLY C 35 -5.01 8.60 -12.10
CA GLY C 35 -5.42 8.63 -13.49
C GLY C 35 -5.13 7.29 -14.13
N GLY C 36 -4.46 6.40 -13.40
CA GLY C 36 -4.04 5.12 -13.92
C GLY C 36 -4.57 3.99 -13.06
N ASP C 37 -4.31 2.77 -13.52
CA ASP C 37 -4.61 1.61 -12.70
C ASP C 37 -3.64 1.56 -11.52
N PHE C 38 -4.02 0.76 -10.54
CA PHE C 38 -3.13 0.48 -9.44
C PHE C 38 -3.23 -1.01 -9.15
N LEU C 39 -2.35 -1.47 -8.26
CA LEU C 39 -2.25 -2.89 -7.98
C LEU C 39 -2.77 -3.11 -6.56
N VAL C 40 -3.43 -4.24 -6.36
CA VAL C 40 -4.04 -4.58 -5.08
C VAL C 40 -3.63 -5.99 -4.76
N TYR C 41 -2.88 -6.17 -3.66
CA TYR C 41 -2.33 -7.46 -3.29
C TYR C 41 -3.03 -8.02 -2.06
N PRO C 42 -3.39 -9.31 -2.07
CA PRO C 42 -3.81 -9.96 -0.83
C PRO C 42 -2.74 -9.85 0.26
N GLY C 43 -3.19 -9.53 1.47
CA GLY C 43 -2.25 -9.30 2.55
C GLY C 43 -1.48 -10.54 2.95
N ASP C 44 -2.17 -11.68 3.06
CA ASP C 44 -1.55 -12.84 3.69
C ASP C 44 -0.25 -13.32 3.03
N PRO C 45 -0.13 -13.40 1.70
CA PRO C 45 1.14 -13.84 1.12
C PRO C 45 2.31 -12.90 1.39
N LEU C 46 2.02 -11.66 1.79
CA LEU C 46 3.03 -10.61 1.86
C LEU C 46 3.40 -10.18 3.27
N ARG C 47 2.47 -10.26 4.22
CA ARG C 47 2.64 -9.53 5.47
C ARG C 47 3.81 -10.06 6.29
N PHE C 48 4.15 -11.34 6.15
CA PHE C 48 5.18 -11.92 6.98
C PHE C 48 6.59 -11.62 6.49
N HIS C 49 6.72 -10.94 5.35
CA HIS C 49 8.02 -10.50 4.88
C HIS C 49 8.57 -9.39 5.77
N ALA C 50 9.88 -9.18 5.70
CA ALA C 50 10.49 -8.03 6.36
C ALA C 50 9.94 -6.73 5.78
N HIS C 51 9.77 -5.73 6.64
CA HIS C 51 9.14 -4.48 6.24
C HIS C 51 9.51 -3.37 7.20
N TYR C 52 9.18 -2.16 6.81
CA TYR C 52 9.34 -1.00 7.66
C TYR C 52 8.03 -0.68 8.38
N ILE C 53 8.16 -0.14 9.58
CA ILE C 53 7.09 0.58 10.24
C ILE C 53 7.35 2.06 10.00
N ALA C 54 6.50 2.70 9.23
CA ALA C 54 6.82 3.99 8.66
C ALA C 54 5.95 5.07 9.27
N GLN C 55 6.49 6.30 9.26
CA GLN C 55 5.84 7.38 9.96
C GLN C 55 6.03 8.67 9.17
N CYS C 56 4.94 9.44 9.13
CA CYS C 56 4.89 10.70 8.41
CA CYS C 56 4.92 10.70 8.40
C CYS C 56 5.14 11.85 9.37
N TRP C 57 6.20 12.63 9.12
CA TRP C 57 6.56 13.74 9.99
C TRP C 57 6.81 14.97 9.13
N ALA C 58 6.09 16.04 9.41
CA ALA C 58 6.54 17.34 8.93
C ALA C 58 7.98 17.54 9.41
N PRO C 59 8.88 18.01 8.54
CA PRO C 59 10.31 18.03 8.90
C PRO C 59 10.64 18.84 10.15
N GLU C 60 9.83 19.85 10.48
CA GLU C 60 10.08 20.67 11.67
C GLU C 60 9.43 20.12 12.93
N ASP C 61 8.57 19.11 12.81
CA ASP C 61 7.89 18.55 13.97
C ASP C 61 8.87 17.81 14.85
N THR C 62 8.70 17.95 16.16
CA THR C 62 9.54 17.26 17.11
C THR C 62 8.97 15.88 17.34
N ILE C 63 9.86 14.87 17.32
CA ILE C 63 9.44 13.48 17.46
C ILE C 63 9.68 13.08 18.92
N PRO C 64 8.64 12.89 19.72
CA PRO C 64 8.83 12.61 21.15
C PRO C 64 9.52 11.27 21.38
N LEU C 65 10.69 11.33 22.03
CA LEU C 65 11.51 10.14 22.22
C LEU C 65 10.99 9.26 23.34
N GLN C 66 10.01 9.72 24.13
CA GLN C 66 9.48 8.92 25.23
C GLN C 66 8.96 7.57 24.74
N ASP C 67 8.34 7.55 23.56
CA ASP C 67 7.85 6.29 23.01
C ASP C 67 9.00 5.38 22.60
N LEU C 68 10.09 5.95 22.08
CA LEU C 68 11.26 5.16 21.70
C LEU C 68 12.00 4.57 22.91
N VAL C 69 11.79 5.08 24.11
CA VAL C 69 12.40 4.47 25.29
C VAL C 69 11.52 3.37 25.86
N ALA C 70 10.20 3.58 25.87
CA ALA C 70 9.29 2.48 26.18
C ALA C 70 9.62 1.28 25.30
N ALA C 71 9.76 1.50 23.99
CA ALA C 71 10.17 0.43 23.08
C ALA C 71 11.48 -0.20 23.53
N GLY C 72 12.43 0.61 24.00
CA GLY C 72 13.76 0.09 24.30
C GLY C 72 13.77 -0.92 25.43
N ARG C 73 13.10 -0.60 26.53
CA ARG C 73 13.17 -1.48 27.70
C ARG C 73 12.17 -2.63 27.62
N LEU C 74 11.02 -2.43 26.98
CA LEU C 74 10.11 -3.57 26.86
C LEU C 74 10.54 -4.55 25.78
N GLY C 75 11.66 -4.29 25.12
CA GLY C 75 12.11 -5.14 24.03
C GLY C 75 11.17 -5.19 22.85
N THR C 76 10.40 -4.13 22.61
CA THR C 76 9.39 -4.13 21.54
C THR C 76 9.96 -3.75 20.18
N SER C 77 11.10 -3.05 20.16
CA SER C 77 11.60 -2.47 18.92
C SER C 77 12.86 -3.16 18.42
N VAL C 78 13.23 -4.30 19.00
CA VAL C 78 14.55 -4.89 18.78
C VAL C 78 14.79 -5.18 17.30
N ARG C 79 14.06 -6.13 16.74
CA ARG C 79 14.30 -6.59 15.37
C ARG C 79 13.56 -5.75 14.33
N LYS C 80 13.18 -4.52 14.68
CA LYS C 80 12.33 -3.68 13.86
C LYS C 80 13.13 -2.53 13.24
N THR C 81 12.67 -2.06 12.08
CA THR C 81 13.19 -0.83 11.49
C THR C 81 12.07 0.17 11.34
N LEU C 82 12.23 1.33 11.97
CA LEU C 82 11.26 2.41 11.83
C LEU C 82 11.75 3.36 10.74
N LEU C 83 10.82 3.84 9.91
CA LEU C 83 11.14 4.65 8.75
C LEU C 83 10.55 6.03 8.94
N LEU C 84 11.40 7.01 9.20
CA LEU C 84 10.95 8.39 9.27
C LEU C 84 10.88 8.96 7.87
N CYS C 85 9.72 9.57 7.52
CA CYS C 85 9.49 10.08 6.18
C CYS C 85 9.01 11.52 6.28
N SER C 86 9.68 12.41 5.55
CA SER C 86 9.41 13.84 5.55
C SER C 86 9.60 14.37 4.13
N PRO C 87 8.62 15.08 3.58
CA PRO C 87 8.86 15.80 2.34
C PRO C 87 9.39 17.19 2.62
N GLN C 88 10.22 17.66 1.73
CA GLN C 88 10.88 18.95 1.89
C GLN C 88 10.19 19.99 1.01
N PRO C 89 10.46 21.27 1.26
CA PRO C 89 10.02 22.30 0.30
C PRO C 89 10.58 22.08 -1.09
N ASP C 90 11.62 21.25 -1.23
CA ASP C 90 12.12 20.80 -2.52
C ASP C 90 10.99 20.30 -3.42
N GLY C 91 10.03 19.59 -2.84
CA GLY C 91 9.22 18.61 -3.53
C GLY C 91 9.66 17.19 -3.24
N LYS C 92 10.93 17.00 -2.90
CA LYS C 92 11.48 15.69 -2.58
C LYS C 92 11.05 15.26 -1.18
N VAL C 93 11.32 13.99 -0.86
CA VAL C 93 11.08 13.44 0.47
C VAL C 93 12.35 12.76 0.94
N VAL C 94 12.63 12.88 2.23
CA VAL C 94 13.86 12.35 2.81
C VAL C 94 13.51 11.23 3.78
N TYR C 95 14.39 10.21 3.85
CA TYR C 95 14.09 8.98 4.57
C TYR C 95 15.21 8.65 5.56
N THR C 96 14.85 8.42 6.82
CA THR C 96 15.83 7.97 7.81
C THR C 96 15.35 6.69 8.48
N SER C 97 16.17 5.63 8.40
CA SER C 97 15.87 4.39 9.09
C SER C 97 16.33 4.48 10.54
N LEU C 98 15.52 3.93 11.44
CA LEU C 98 15.75 3.99 12.87
C LEU C 98 15.63 2.57 13.43
N GLN C 99 16.73 2.06 13.98
CA GLN C 99 16.81 0.68 14.47
C GLN C 99 17.36 0.65 15.88
N TRP C 100 16.78 -0.23 16.70
CA TRP C 100 17.32 -0.47 18.03
C TRP C 100 18.70 -1.09 17.92
N ALA C 101 19.62 -0.63 18.76
CA ALA C 101 21.00 -1.08 18.73
C ALA C 101 21.41 -1.58 20.11
N SER C 102 22.05 -2.75 20.14
CA SER C 102 22.37 -3.42 21.40
C SER C 102 23.53 -2.75 22.14
N LEU C 103 24.66 -2.57 21.45
CA LEU C 103 25.87 -2.02 22.05
C LEU C 103 26.29 -2.80 23.28
N ASP D 34 -26.52 -13.23 -42.69
CA ASP D 34 -27.24 -12.47 -43.70
C ASP D 34 -28.65 -12.14 -43.21
N ALA D 35 -29.51 -11.69 -44.12
CA ALA D 35 -30.84 -11.24 -43.76
C ALA D 35 -31.72 -12.35 -43.20
N TRP D 36 -31.34 -13.61 -43.38
CA TRP D 36 -32.16 -14.72 -42.86
C TRP D 36 -32.35 -14.59 -41.35
N MET D 37 -31.38 -13.99 -40.66
CA MET D 37 -31.50 -13.79 -39.22
C MET D 37 -32.78 -13.04 -38.87
N GLY D 38 -33.16 -12.07 -39.70
CA GLY D 38 -34.31 -11.23 -39.43
C GLY D 38 -35.62 -11.97 -39.24
N THR D 39 -35.75 -13.19 -39.77
CA THR D 39 -36.98 -13.94 -39.60
C THR D 39 -36.79 -15.23 -38.81
N HIS D 40 -35.61 -15.45 -38.23
CA HIS D 40 -35.42 -16.60 -37.37
C HIS D 40 -36.33 -16.49 -36.13
N PRO D 41 -36.95 -17.60 -35.69
CA PRO D 41 -37.93 -17.49 -34.60
C PRO D 41 -37.34 -16.98 -33.29
N LYS D 42 -36.14 -17.43 -32.94
CA LYS D 42 -35.51 -16.93 -31.72
C LYS D 42 -35.21 -15.44 -31.85
N TYR D 43 -34.78 -15.00 -33.03
CA TYR D 43 -34.63 -13.56 -33.24
C TYR D 43 -35.97 -12.86 -33.04
N LEU D 44 -37.05 -13.40 -33.61
CA LEU D 44 -38.34 -12.72 -33.50
C LEU D 44 -38.84 -12.75 -32.06
N GLU D 45 -38.62 -13.85 -31.35
CA GLU D 45 -38.99 -13.92 -29.93
C GLU D 45 -38.24 -12.88 -29.10
N MET D 46 -36.97 -12.64 -29.39
CA MET D 46 -36.25 -11.61 -28.64
C MET D 46 -36.81 -10.22 -28.93
N MET D 47 -37.27 -9.99 -30.16
CA MET D 47 -37.83 -8.69 -30.48
C MET D 47 -39.20 -8.49 -29.85
N GLU D 48 -39.98 -9.56 -29.69
CA GLU D 48 -41.27 -9.42 -29.00
C GLU D 48 -41.11 -9.01 -27.54
N LEU D 49 -39.93 -9.24 -26.97
CA LEU D 49 -39.64 -8.63 -25.68
C LEU D 49 -39.83 -7.13 -25.72
N ASP D 50 -39.79 -6.54 -26.91
CA ASP D 50 -39.90 -5.10 -27.12
C ASP D 50 -39.00 -4.32 -26.17
N ILE D 51 -37.74 -4.76 -26.07
CA ILE D 51 -36.71 -4.11 -25.26
C ILE D 51 -35.54 -3.76 -26.18
N GLY D 52 -35.22 -2.48 -26.28
CA GLY D 52 -34.09 -2.08 -27.10
C GLY D 52 -34.38 -2.09 -28.58
N ASP D 53 -33.34 -1.80 -29.36
CA ASP D 53 -33.49 -1.60 -30.79
C ASP D 53 -32.96 -2.83 -31.55
N ALA D 54 -32.90 -2.70 -32.87
CA ALA D 54 -32.60 -3.86 -33.71
C ALA D 54 -31.18 -4.38 -33.44
N THR D 55 -30.25 -3.48 -33.20
CA THR D 55 -28.88 -3.90 -32.91
C THR D 55 -28.80 -4.68 -31.59
N GLN D 56 -29.46 -4.19 -30.53
CA GLN D 56 -29.47 -4.97 -29.29
C GLN D 56 -30.13 -6.32 -29.51
N VAL D 57 -31.16 -6.39 -30.35
CA VAL D 57 -31.75 -7.71 -30.62
C VAL D 57 -30.76 -8.57 -31.40
N TYR D 58 -30.12 -7.98 -32.42
CA TYR D 58 -29.18 -8.72 -33.27
C TYR D 58 -28.00 -9.24 -32.46
N VAL D 59 -27.41 -8.37 -31.64
CA VAL D 59 -26.30 -8.75 -30.80
C VAL D 59 -26.69 -9.91 -29.88
N ALA D 60 -27.87 -9.82 -29.25
CA ALA D 60 -28.33 -10.90 -28.38
C ALA D 60 -28.61 -12.17 -29.17
N PHE D 61 -29.09 -12.03 -30.41
CA PHE D 61 -29.31 -13.21 -31.25
C PHE D 61 -27.98 -13.84 -31.64
N LEU D 62 -26.99 -13.01 -32.00
CA LEU D 62 -25.64 -13.49 -32.29
C LEU D 62 -25.10 -14.37 -31.17
N VAL D 63 -25.19 -13.88 -29.93
CA VAL D 63 -24.61 -14.60 -28.79
C VAL D 63 -25.40 -15.87 -28.52
N TYR D 64 -26.74 -15.80 -28.67
CA TYR D 64 -27.57 -16.99 -28.51
C TYR D 64 -27.12 -18.10 -29.44
N LEU D 65 -26.85 -17.75 -30.70
CA LEU D 65 -26.40 -18.76 -31.64
C LEU D 65 -25.03 -19.30 -31.24
N ASP D 66 -24.16 -18.44 -30.72
CA ASP D 66 -22.81 -18.88 -30.32
C ASP D 66 -22.87 -19.87 -29.17
N LEU D 67 -23.65 -19.54 -28.13
CA LEU D 67 -23.81 -20.46 -27.00
C LEU D 67 -24.40 -21.81 -27.45
N MET D 68 -25.47 -21.77 -28.25
CA MET D 68 -26.15 -23.01 -28.63
C MET D 68 -25.45 -23.78 -29.73
N GLU D 69 -24.85 -23.08 -30.71
CA GLU D 69 -24.18 -23.77 -31.81
C GLU D 69 -22.69 -23.99 -31.50
N SER D 70 -21.92 -22.92 -31.33
CA SER D 70 -20.47 -23.05 -31.22
C SER D 70 -20.06 -23.70 -29.89
N LYS D 71 -20.61 -23.23 -28.78
CA LYS D 71 -20.20 -23.70 -27.46
C LYS D 71 -21.06 -24.84 -26.93
N SER D 72 -22.16 -25.16 -27.61
CA SER D 72 -22.96 -26.36 -27.34
C SER D 72 -23.57 -26.36 -25.94
N TRP D 73 -24.29 -25.29 -25.61
CA TRP D 73 -24.98 -25.22 -24.32
C TRP D 73 -26.25 -26.07 -24.35
N HIS D 74 -26.60 -26.64 -23.19
CA HIS D 74 -27.75 -27.53 -23.13
C HIS D 74 -29.04 -26.79 -23.42
N GLU D 75 -29.23 -25.60 -22.84
CA GLU D 75 -30.43 -24.82 -23.11
C GLU D 75 -30.13 -23.34 -22.89
N VAL D 76 -30.65 -22.49 -23.77
CA VAL D 76 -30.53 -21.04 -23.60
C VAL D 76 -31.91 -20.41 -23.79
N ASN D 77 -32.32 -19.59 -22.82
CA ASN D 77 -33.57 -18.87 -22.90
C ASN D 77 -33.29 -17.38 -22.86
N CYS D 78 -34.05 -16.61 -23.63
CA CYS D 78 -33.93 -15.16 -23.57
C CYS D 78 -34.94 -14.65 -22.58
N VAL D 79 -34.54 -13.64 -21.81
CA VAL D 79 -35.44 -12.98 -20.88
C VAL D 79 -35.26 -11.47 -21.07
N GLY D 80 -36.36 -10.75 -20.95
CA GLY D 80 -36.34 -9.30 -20.95
C GLY D 80 -36.53 -8.80 -19.53
N LEU D 81 -35.74 -7.79 -19.17
CA LEU D 81 -36.01 -7.01 -17.95
C LEU D 81 -36.21 -5.57 -18.40
N PRO D 82 -37.45 -5.09 -18.46
CA PRO D 82 -37.67 -3.76 -19.06
C PRO D 82 -37.12 -2.61 -18.23
N GLU D 83 -37.05 -2.76 -16.91
CA GLU D 83 -36.57 -1.67 -16.08
C GLU D 83 -35.11 -1.34 -16.38
N LEU D 84 -34.31 -2.33 -16.75
CA LEU D 84 -32.94 -2.04 -17.13
C LEU D 84 -32.75 -1.97 -18.64
N GLN D 85 -33.81 -2.22 -19.41
CA GLN D 85 -33.76 -2.19 -20.87
C GLN D 85 -32.65 -3.11 -21.39
N LEU D 86 -32.75 -4.37 -20.98
CA LEU D 86 -31.72 -5.37 -21.27
C LEU D 86 -32.39 -6.67 -21.67
N ILE D 87 -31.82 -7.31 -22.69
CA ILE D 87 -32.16 -8.67 -23.06
C ILE D 87 -31.08 -9.57 -22.49
N CYS D 88 -31.47 -10.47 -21.60
CA CYS D 88 -30.53 -11.44 -21.05
C CYS D 88 -30.75 -12.79 -21.72
N LEU D 89 -29.67 -13.54 -21.83
CA LEU D 89 -29.74 -14.96 -22.08
C LEU D 89 -29.48 -15.66 -20.75
N VAL D 90 -30.43 -16.47 -20.32
CA VAL D 90 -30.28 -17.31 -19.12
C VAL D 90 -30.15 -18.74 -19.62
N GLY D 91 -29.03 -19.37 -19.30
CA GLY D 91 -28.71 -20.67 -19.88
C GLY D 91 -28.24 -21.67 -18.86
N THR D 92 -28.28 -22.94 -19.27
CA THR D 92 -27.65 -24.06 -18.60
C THR D 92 -26.56 -24.59 -19.54
N GLU D 93 -25.31 -24.53 -19.11
CA GLU D 93 -24.25 -24.95 -20.02
C GLU D 93 -24.22 -26.47 -20.15
N ILE D 94 -24.35 -27.18 -19.03
CA ILE D 94 -24.36 -28.64 -19.00
C ILE D 94 -25.60 -29.08 -18.22
N GLU D 95 -26.35 -30.03 -18.78
CA GLU D 95 -27.72 -30.29 -18.33
C GLU D 95 -27.85 -30.39 -16.80
N GLY D 96 -26.82 -30.86 -16.12
CA GLY D 96 -26.91 -30.99 -14.68
C GLY D 96 -26.78 -29.70 -13.89
N GLU D 97 -25.91 -28.78 -14.33
CA GLU D 97 -25.51 -27.66 -13.50
C GLU D 97 -26.63 -26.61 -13.45
N GLY D 98 -26.33 -25.46 -12.84
CA GLY D 98 -27.30 -24.41 -12.63
C GLY D 98 -27.23 -23.31 -13.67
N LEU D 99 -28.19 -22.38 -13.55
CA LEU D 99 -28.36 -21.33 -14.54
C LEU D 99 -27.26 -20.29 -14.43
N GLN D 100 -26.89 -19.72 -15.58
CA GLN D 100 -26.04 -18.55 -15.60
C GLN D 100 -26.59 -17.55 -16.60
N THR D 101 -26.36 -16.28 -16.27
CA THR D 101 -26.87 -15.14 -17.03
C THR D 101 -25.78 -14.66 -17.97
N VAL D 102 -26.11 -14.55 -19.25
CA VAL D 102 -25.24 -13.99 -20.28
C VAL D 102 -25.86 -12.71 -20.80
N VAL D 103 -25.08 -11.65 -20.87
CA VAL D 103 -25.57 -10.33 -21.23
C VAL D 103 -24.85 -9.87 -22.48
N PRO D 104 -25.48 -10.00 -23.66
CA PRO D 104 -24.87 -9.52 -24.91
C PRO D 104 -24.84 -8.00 -24.93
N THR D 105 -23.77 -7.46 -25.51
CA THR D 105 -23.66 -6.04 -25.68
C THR D 105 -22.72 -5.79 -26.87
N PRO D 106 -23.06 -4.86 -27.76
CA PRO D 106 -22.09 -4.44 -28.78
C PRO D 106 -20.90 -3.78 -28.11
N ILE D 107 -19.73 -3.97 -28.72
CA ILE D 107 -18.50 -3.31 -28.29
C ILE D 107 -18.67 -1.80 -28.20
N THR D 108 -19.59 -1.23 -28.99
CA THR D 108 -19.77 0.22 -29.01
C THR D 108 -20.43 0.72 -27.73
N ALA D 109 -21.23 -0.11 -27.07
CA ALA D 109 -21.94 0.28 -25.87
C ALA D 109 -21.00 0.61 -24.72
N SER D 110 -21.53 1.30 -23.72
CA SER D 110 -20.79 1.64 -22.52
C SER D 110 -21.64 1.33 -21.30
N LEU D 111 -20.97 1.08 -20.19
CA LEU D 111 -21.66 0.73 -18.96
C LEU D 111 -21.03 1.49 -17.79
N SER D 112 -21.88 2.02 -16.92
CA SER D 112 -21.40 2.50 -15.65
C SER D 112 -21.13 1.32 -14.72
N HIS D 113 -20.39 1.58 -13.66
CA HIS D 113 -20.29 0.56 -12.62
C HIS D 113 -21.67 0.34 -11.99
N ASN D 114 -22.42 1.41 -11.73
CA ASN D 114 -23.79 1.29 -11.25
C ASN D 114 -24.61 0.34 -12.13
N ARG D 115 -24.58 0.54 -13.44
CA ARG D 115 -25.34 -0.35 -14.30
C ARG D 115 -24.87 -1.79 -14.12
N ILE D 116 -23.56 -2.00 -14.00
CA ILE D 116 -23.01 -3.33 -13.76
C ILE D 116 -23.55 -3.92 -12.46
N ARG D 117 -23.63 -3.08 -11.41
CA ARG D 117 -24.23 -3.52 -10.15
C ARG D 117 -25.67 -3.95 -10.34
N GLU D 118 -26.43 -3.15 -11.09
CA GLU D 118 -27.82 -3.49 -11.39
C GLU D 118 -27.93 -4.83 -12.09
N ILE D 119 -27.07 -5.07 -13.08
CA ILE D 119 -27.09 -6.35 -13.76
C ILE D 119 -26.71 -7.48 -12.80
N LEU D 120 -25.74 -7.24 -11.92
CA LEU D 120 -25.41 -8.23 -10.90
C LEU D 120 -26.65 -8.58 -10.08
N LYS D 121 -27.37 -7.56 -9.61
CA LYS D 121 -28.54 -7.84 -8.78
C LYS D 121 -29.64 -8.54 -9.59
N ALA D 122 -29.78 -8.21 -10.87
CA ALA D 122 -30.76 -8.91 -11.69
C ALA D 122 -30.34 -10.36 -11.88
N SER D 123 -29.04 -10.59 -12.10
CA SER D 123 -28.54 -11.95 -12.27
C SER D 123 -28.76 -12.80 -11.03
N ARG D 124 -28.64 -12.21 -9.84
CA ARG D 124 -28.89 -12.95 -8.61
C ARG D 124 -30.31 -13.52 -8.57
N LYS D 125 -31.29 -12.73 -9.02
CA LYS D 125 -32.67 -13.23 -9.12
C LYS D 125 -32.77 -14.35 -10.15
N LEU D 126 -32.24 -14.10 -11.35
CA LEU D 126 -32.40 -15.03 -12.45
C LEU D 126 -31.70 -16.36 -12.19
N GLN D 127 -30.56 -16.31 -11.50
CA GLN D 127 -29.84 -17.56 -11.25
C GLN D 127 -30.32 -18.24 -9.97
N GLY D 128 -31.03 -17.52 -9.10
CA GLY D 128 -31.57 -18.12 -7.89
C GLY D 128 -30.51 -18.65 -6.94
N ASP D 129 -29.33 -18.05 -6.94
CA ASP D 129 -28.17 -18.54 -6.18
C ASP D 129 -27.69 -17.51 -5.16
N PRO D 130 -28.54 -16.97 -4.29
CA PRO D 130 -28.07 -15.87 -3.43
C PRO D 130 -26.99 -16.29 -2.44
N ASP D 131 -26.82 -17.59 -2.18
CA ASP D 131 -25.70 -18.07 -1.36
C ASP D 131 -24.35 -17.89 -2.04
N LEU D 132 -24.31 -17.49 -3.31
CA LEU D 132 -23.05 -17.30 -4.02
C LEU D 132 -22.85 -15.84 -4.35
N PRO D 133 -21.61 -15.38 -4.50
CA PRO D 133 -21.41 -14.01 -4.97
C PRO D 133 -22.15 -13.76 -6.27
N MET D 134 -22.82 -12.61 -6.33
CA MET D 134 -23.46 -12.17 -7.57
C MET D 134 -22.47 -12.24 -8.73
N SER D 135 -22.93 -12.75 -9.87
CA SER D 135 -22.09 -12.79 -11.06
C SER D 135 -22.94 -12.93 -12.31
N PHE D 136 -22.35 -12.54 -13.44
CA PHE D 136 -22.93 -12.82 -14.75
C PHE D 136 -21.81 -12.80 -15.78
N THR D 137 -22.12 -13.27 -16.98
CA THR D 137 -21.15 -13.25 -18.06
C THR D 137 -21.54 -12.14 -19.03
N LEU D 138 -20.58 -11.28 -19.33
CA LEU D 138 -20.74 -10.23 -20.32
C LEU D 138 -20.31 -10.76 -21.68
N ALA D 139 -21.22 -10.75 -22.67
CA ALA D 139 -20.89 -11.26 -24.00
C ALA D 139 -20.73 -10.07 -24.93
N ILE D 140 -19.48 -9.66 -25.16
CA ILE D 140 -19.17 -8.47 -25.96
C ILE D 140 -19.03 -8.86 -27.42
N VAL D 141 -19.83 -8.24 -28.28
CA VAL D 141 -19.83 -8.51 -29.71
C VAL D 141 -19.03 -7.40 -30.38
N GLU D 142 -17.90 -7.77 -31.00
CA GLU D 142 -17.18 -6.82 -31.84
C GLU D 142 -18.00 -6.52 -33.10
N SER D 143 -17.57 -5.49 -33.83
CA SER D 143 -18.33 -5.06 -35.00
C SER D 143 -18.37 -6.18 -36.04
N ASP D 144 -17.25 -6.88 -36.24
CA ASP D 144 -17.21 -7.96 -37.20
C ASP D 144 -17.97 -9.20 -36.73
N SER D 145 -18.62 -9.13 -35.57
CA SER D 145 -19.57 -10.10 -35.04
C SER D 145 -18.92 -11.20 -34.22
N THR D 146 -17.63 -11.07 -33.90
CA THR D 146 -16.98 -12.05 -33.05
C THR D 146 -17.23 -11.73 -31.58
N ILE D 147 -17.31 -12.78 -30.76
CA ILE D 147 -17.83 -12.68 -29.40
C ILE D 147 -16.73 -13.06 -28.41
N VAL D 148 -16.39 -12.14 -27.52
CA VAL D 148 -15.48 -12.40 -26.42
C VAL D 148 -16.26 -12.37 -25.11
N TYR D 149 -15.97 -13.30 -24.22
CA TYR D 149 -16.75 -13.49 -23.00
C TYR D 149 -15.95 -13.08 -21.77
N TYR D 150 -16.63 -12.45 -20.81
CA TYR D 150 -16.02 -12.00 -19.56
C TYR D 150 -16.94 -12.28 -18.38
N LYS D 151 -16.38 -12.87 -17.33
CA LYS D 151 -17.15 -13.19 -16.14
C LYS D 151 -16.98 -12.06 -15.13
N LEU D 152 -18.09 -11.50 -14.65
CA LEU D 152 -18.07 -10.41 -13.69
C LEU D 152 -18.69 -10.90 -12.40
N THR D 153 -17.96 -10.72 -11.30
CA THR D 153 -18.34 -11.22 -9.99
C THR D 153 -18.20 -10.11 -8.95
N ASP D 154 -19.22 -10.00 -8.11
CA ASP D 154 -19.18 -9.09 -6.98
C ASP D 154 -18.02 -9.46 -6.07
N GLY D 155 -17.22 -8.48 -5.70
CA GLY D 155 -16.18 -8.76 -4.73
C GLY D 155 -14.84 -9.11 -5.34
N PHE D 156 -14.10 -9.99 -4.68
CA PHE D 156 -12.67 -10.17 -4.90
C PHE D 156 -12.43 -11.61 -5.30
N MET D 157 -12.23 -11.84 -6.59
CA MET D 157 -12.07 -13.17 -7.16
C MET D 157 -10.70 -13.25 -7.81
N LEU D 158 -9.75 -13.86 -7.12
CA LEU D 158 -8.53 -14.32 -7.75
C LEU D 158 -8.56 -15.84 -7.76
N PRO D 159 -8.37 -16.48 -8.91
CA PRO D 159 -8.36 -17.95 -8.95
C PRO D 159 -7.32 -18.58 -8.04
N ASP D 160 -6.25 -17.87 -7.69
CA ASP D 160 -5.22 -18.44 -6.84
C ASP D 160 -4.51 -17.30 -6.12
N PRO D 161 -5.07 -16.79 -5.01
CA PRO D 161 -4.49 -15.61 -4.37
C PRO D 161 -3.11 -15.86 -3.76
N GLN D 162 -2.69 -17.11 -3.57
CA GLN D 162 -1.36 -17.42 -3.05
C GLN D 162 -0.34 -17.65 -4.16
N ASN D 163 -0.71 -17.47 -5.43
CA ASN D 163 0.18 -17.87 -6.52
C ASN D 163 1.48 -17.07 -6.51
N ILE D 164 2.57 -17.75 -6.81
CA ILE D 164 3.87 -17.11 -6.97
C ILE D 164 4.47 -17.63 -8.25
N SER D 165 4.78 -16.73 -9.17
CA SER D 165 5.36 -17.13 -10.44
C SER D 165 6.42 -16.10 -10.83
N LEU D 166 7.14 -16.42 -11.90
CA LEU D 166 8.21 -15.54 -12.35
C LEU D 166 7.65 -14.33 -13.10
N ARG D 167 8.25 -13.17 -12.80
CA ARG D 167 8.16 -11.89 -13.53
C ARG D 167 7.08 -10.96 -13.02
#